data_7AHF
#
_entry.id   7AHF
#
_cell.length_a   45.317
_cell.length_b   48.411
_cell.length_c   70.127
_cell.angle_alpha   90.000
_cell.angle_beta   107.070
_cell.angle_gamma   90.000
#
_symmetry.space_group_name_H-M   'P 1 21 1'
#
loop_
_entity.id
_entity.type
_entity.pdbx_description
1 polymer 'Ubiquitin-conjugating enzyme E2 S'
2 non-polymer 1,2-ETHANEDIOL
3 non-polymer GLYCEROL
4 water water
#
_entity_poly.entity_id   1
_entity_poly.type   'polypeptide(L)'
_entity_poly.pdbx_seq_one_letter_code
;MNSNVENLPPHIIRLVYKEVTTLTADPPDGIKVFPNEEDLTDLQVTIEGPEGTPYAGGLFRMKLLLGKDFPASPPKGYFL
TKIFHPNVGANGEICVNVLKRDWTAELGIRHVLETIKCLLIHPNPESALNEEAGRLLLENYEEYAARARLLTEIHG
;
_entity_poly.pdbx_strand_id   B,A
#
# COMPACT_ATOMS: atom_id res chain seq x y z
N PRO A 9 21.00 -24.90 -7.39
CA PRO A 9 20.33 -24.32 -8.56
C PRO A 9 20.79 -22.89 -8.80
N PRO A 10 21.54 -22.65 -9.88
CA PRO A 10 22.26 -21.38 -10.01
C PRO A 10 21.35 -20.16 -10.15
N HIS A 11 20.39 -20.21 -11.10
CA HIS A 11 19.53 -19.05 -11.32
C HIS A 11 18.87 -18.59 -10.02
N ILE A 12 18.61 -19.51 -9.11
CA ILE A 12 18.11 -19.13 -7.79
C ILE A 12 19.17 -18.32 -7.04
N ILE A 13 20.36 -18.91 -6.87
CA ILE A 13 21.41 -18.28 -6.07
C ILE A 13 21.68 -16.87 -6.57
N ARG A 14 21.98 -16.73 -7.86
CA ARG A 14 22.36 -15.42 -8.38
C ARG A 14 21.21 -14.42 -8.28
N LEU A 15 19.97 -14.89 -8.43
CA LEU A 15 18.84 -13.98 -8.34
C LEU A 15 18.53 -13.60 -6.89
N VAL A 16 18.51 -14.60 -6.00
CA VAL A 16 18.36 -14.32 -4.57
C VAL A 16 19.32 -13.20 -4.15
N TYR A 17 20.61 -13.41 -4.38
CA TYR A 17 21.61 -12.41 -4.03
C TYR A 17 21.30 -11.08 -4.70
N LYS A 18 20.98 -11.09 -5.98
CA LYS A 18 20.63 -9.84 -6.69
C LYS A 18 19.46 -9.16 -5.98
N GLU A 19 18.42 -9.85 -5.56
CA GLU A 19 17.28 -9.19 -4.92
C GLU A 19 17.69 -8.58 -3.58
N VAL A 20 18.41 -9.36 -2.76
CA VAL A 20 18.85 -8.85 -1.46
C VAL A 20 19.57 -7.52 -1.63
N THR A 21 20.58 -7.50 -2.51
CA THR A 21 21.35 -6.29 -2.75
C THR A 21 20.43 -5.11 -3.02
N THR A 22 19.55 -5.25 -4.02
CA THR A 22 18.59 -4.19 -4.32
C THR A 22 17.81 -3.78 -3.08
N LEU A 23 17.54 -4.71 -2.18
CA LEU A 23 16.73 -4.45 -1.01
C LEU A 23 17.53 -4.00 0.19
N THR A 24 18.81 -4.34 0.26
CA THR A 24 19.68 -3.77 1.29
C THR A 24 20.13 -2.36 0.91
N ALA A 25 20.33 -2.10 -0.38
CA ALA A 25 20.80 -0.78 -0.82
C ALA A 25 19.67 0.23 -0.84
N ASP A 26 18.54 -0.10 -1.46
CA ASP A 26 17.36 0.75 -1.54
C ASP A 26 16.21 0.02 -0.84
N PRO A 27 16.21 -0.01 0.50
CA PRO A 27 15.16 -0.75 1.21
C PRO A 27 13.83 -0.01 1.14
N PRO A 28 12.71 -0.73 1.01
CA PRO A 28 11.38 -0.11 1.02
C PRO A 28 11.11 0.43 2.43
N ASP A 29 10.27 1.45 2.55
CA ASP A 29 9.97 2.08 3.84
C ASP A 29 9.50 1.03 4.83
N GLY A 30 10.21 0.91 5.95
CA GLY A 30 9.78 0.03 7.01
C GLY A 30 9.99 -1.45 6.75
N ILE A 31 10.83 -1.80 5.77
CA ILE A 31 11.05 -3.18 5.39
C ILE A 31 12.55 -3.46 5.39
N LYS A 32 12.91 -4.58 5.98
CA LYS A 32 14.30 -5.03 6.07
C LYS A 32 14.33 -6.51 5.66
N VAL A 33 15.31 -6.93 4.86
CA VAL A 33 15.46 -8.34 4.43
C VAL A 33 16.71 -8.90 5.10
N PHE A 34 16.70 -10.16 5.49
CA PHE A 34 17.85 -10.79 6.18
C PHE A 34 18.23 -12.08 5.48
N PRO A 35 19.16 -12.06 4.53
CA PRO A 35 19.54 -13.29 3.80
C PRO A 35 20.22 -14.31 4.71
N ASN A 36 20.12 -15.57 4.29
CA ASN A 36 20.69 -16.70 5.03
C ASN A 36 21.41 -17.60 4.03
N GLU A 37 22.72 -17.72 4.24
CA GLU A 37 23.66 -18.50 3.40
C GLU A 37 23.29 -19.98 3.49
N GLU A 38 22.96 -20.43 4.69
CA GLU A 38 22.61 -21.84 4.97
C GLU A 38 21.37 -22.24 4.14
N ASP A 39 20.39 -21.36 3.93
CA ASP A 39 19.16 -21.70 3.17
C ASP A 39 18.67 -20.47 2.40
N LEU A 40 19.24 -20.16 1.26
CA LEU A 40 18.91 -18.92 0.55
C LEU A 40 17.45 -18.87 0.12
N THR A 41 16.81 -20.01 -0.10
CA THR A 41 15.40 -19.97 -0.50
C THR A 41 14.48 -19.58 0.63
N ASP A 42 14.99 -19.40 1.85
CA ASP A 42 14.21 -19.01 3.03
C ASP A 42 14.68 -17.63 3.46
N LEU A 43 13.94 -16.59 3.09
CA LEU A 43 14.34 -15.22 3.33
C LEU A 43 13.57 -14.64 4.51
N GLN A 44 14.29 -14.23 5.54
CA GLN A 44 13.68 -13.58 6.70
C GLN A 44 13.46 -12.10 6.41
N VAL A 45 12.34 -11.57 6.90
CA VAL A 45 11.93 -10.20 6.62
C VAL A 45 11.24 -9.63 7.85
N THR A 46 11.33 -8.31 8.01
CA THR A 46 10.53 -7.58 8.99
C THR A 46 9.83 -6.42 8.30
N ILE A 47 8.56 -6.23 8.62
CA ILE A 47 7.76 -5.11 8.14
C ILE A 47 7.25 -4.35 9.36
N GLU A 48 7.48 -3.04 9.39
CA GLU A 48 6.88 -2.20 10.42
C GLU A 48 5.40 -2.01 10.13
N GLY A 49 4.57 -2.10 11.17
CA GLY A 49 3.16 -1.82 11.02
C GLY A 49 2.93 -0.38 10.58
N PRO A 50 2.17 -0.18 9.49
CA PRO A 50 1.96 1.18 8.99
C PRO A 50 1.23 2.05 10.00
N GLU A 51 1.57 3.32 10.05
CA GLU A 51 0.94 4.31 10.97
C GLU A 51 -0.52 4.43 10.52
N GLY A 52 -1.45 4.62 11.44
CA GLY A 52 -2.82 4.75 11.01
C GLY A 52 -3.57 3.44 10.89
N THR A 53 -2.91 2.32 11.09
CA THR A 53 -3.53 1.01 11.13
C THR A 53 -3.48 0.46 12.54
N PRO A 54 -4.33 -0.51 12.89
CA PRO A 54 -4.22 -1.15 14.21
C PRO A 54 -2.89 -1.85 14.43
N TYR A 55 -2.11 -2.08 13.37
CA TYR A 55 -0.80 -2.70 13.47
C TYR A 55 0.32 -1.69 13.72
N ALA A 56 -0.02 -0.41 13.82
CA ALA A 56 0.98 0.63 13.99
C ALA A 56 1.85 0.37 15.22
N GLY A 57 3.15 0.58 15.05
CA GLY A 57 4.10 0.41 16.13
C GLY A 57 4.62 -1.00 16.30
N GLY A 58 4.03 -1.98 15.63
CA GLY A 58 4.48 -3.34 15.75
C GLY A 58 5.51 -3.69 14.70
N LEU A 59 6.43 -4.58 15.07
CA LEU A 59 7.42 -5.13 14.16
C LEU A 59 6.99 -6.53 13.77
N PHE A 60 6.66 -6.74 12.49
CA PHE A 60 6.07 -7.98 12.03
C PHE A 60 7.11 -8.80 11.27
N ARG A 61 7.60 -9.86 11.91
CA ARG A 61 8.51 -10.78 11.27
C ARG A 61 7.76 -11.66 10.29
N MET A 62 8.41 -11.99 9.18
CA MET A 62 7.82 -12.88 8.19
C MET A 62 8.95 -13.49 7.38
N LYS A 63 8.60 -14.49 6.59
CA LYS A 63 9.55 -15.14 5.68
C LYS A 63 8.94 -15.43 4.31
N LEU A 64 9.74 -15.27 3.28
CA LEU A 64 9.37 -15.65 1.93
C LEU A 64 10.10 -16.95 1.59
N LEU A 65 9.36 -17.92 1.06
CA LEU A 65 9.91 -19.19 0.63
C LEU A 65 9.92 -19.19 -0.90
N LEU A 66 11.11 -19.06 -1.47
CA LEU A 66 11.26 -19.01 -2.92
C LEU A 66 11.25 -20.42 -3.47
N GLY A 67 10.33 -20.70 -4.40
CA GLY A 67 10.37 -21.96 -5.10
C GLY A 67 11.48 -21.99 -6.15
N LYS A 68 11.82 -23.20 -6.59
CA LYS A 68 12.88 -23.34 -7.57
C LYS A 68 12.45 -22.92 -8.97
N ASP A 69 11.19 -22.55 -9.13
CA ASP A 69 10.65 -21.96 -10.38
C ASP A 69 10.65 -20.44 -10.28
N PHE A 70 11.14 -19.84 -9.21
CA PHE A 70 11.14 -18.39 -9.06
C PHE A 70 12.06 -17.78 -10.13
N PRO A 71 11.66 -16.68 -10.79
CA PRO A 71 10.43 -15.91 -10.54
C PRO A 71 9.28 -16.18 -11.51
N ALA A 72 9.27 -17.35 -12.15
CA ALA A 72 8.11 -17.73 -12.96
C ALA A 72 6.83 -17.73 -12.12
N SER A 73 6.93 -18.15 -10.86
CA SER A 73 5.83 -18.13 -9.91
C SER A 73 6.21 -17.33 -8.68
N PRO A 74 5.25 -16.71 -8.01
CA PRO A 74 5.57 -15.87 -6.83
C PRO A 74 6.08 -16.72 -5.67
N PRO A 75 6.87 -16.14 -4.78
CA PRO A 75 7.20 -16.84 -3.54
C PRO A 75 5.96 -17.01 -2.67
N LYS A 76 6.03 -17.97 -1.77
CA LYS A 76 4.98 -18.19 -0.78
C LYS A 76 5.39 -17.53 0.54
N GLY A 77 4.43 -16.87 1.18
CA GLY A 77 4.72 -15.99 2.29
C GLY A 77 4.05 -16.43 3.57
N TYR A 78 4.76 -16.22 4.69
CA TYR A 78 4.25 -16.56 6.01
C TYR A 78 4.54 -15.42 6.96
N PHE A 79 3.54 -15.03 7.75
CA PHE A 79 3.80 -14.20 8.91
C PHE A 79 4.31 -15.08 10.05
N LEU A 80 5.47 -14.72 10.59
CA LEU A 80 5.97 -15.35 11.81
C LEU A 80 5.48 -14.64 13.06
N THR A 81 5.23 -13.33 12.94
CA THR A 81 4.56 -12.58 13.99
C THR A 81 3.05 -12.78 13.86
N LYS A 82 2.42 -13.20 14.96
CA LYS A 82 0.97 -13.36 14.97
C LYS A 82 0.31 -12.04 14.58
N ILE A 83 -0.79 -12.14 13.82
CA ILE A 83 -1.50 -10.97 13.34
C ILE A 83 -2.97 -11.33 13.12
N PHE A 84 -3.85 -10.36 13.36
CA PHE A 84 -5.28 -10.48 13.10
C PHE A 84 -5.56 -9.74 11.79
N HIS A 85 -5.82 -10.50 10.72
CA HIS A 85 -5.90 -9.92 9.38
C HIS A 85 -6.66 -10.86 8.44
N PRO A 86 -7.60 -10.34 7.64
CA PRO A 86 -8.45 -11.26 6.86
C PRO A 86 -7.66 -12.19 5.96
N ASN A 87 -6.50 -11.77 5.45
CA ASN A 87 -5.80 -12.50 4.42
C ASN A 87 -4.61 -13.30 4.94
N VAL A 88 -4.48 -13.43 6.27
CA VAL A 88 -3.45 -14.26 6.89
C VAL A 88 -4.14 -15.41 7.58
N GLY A 89 -3.78 -16.63 7.20
CA GLY A 89 -4.40 -17.82 7.74
C GLY A 89 -3.88 -18.20 9.10
N ALA A 90 -4.42 -19.29 9.64
CA ALA A 90 -4.10 -19.69 11.01
C ALA A 90 -2.64 -20.08 11.16
N ASN A 91 -2.05 -20.66 10.12
CA ASN A 91 -0.63 -20.99 10.12
C ASN A 91 0.24 -19.83 9.68
N GLY A 92 -0.34 -18.63 9.53
CA GLY A 92 0.41 -17.47 9.09
C GLY A 92 0.56 -17.33 7.60
N GLU A 93 0.01 -18.25 6.82
CA GLU A 93 0.15 -18.17 5.37
C GLU A 93 -0.53 -16.92 4.85
N ILE A 94 0.14 -16.23 3.93
CA ILE A 94 -0.43 -15.06 3.26
C ILE A 94 -1.15 -15.56 2.01
N CYS A 95 -2.43 -15.20 1.89
CA CYS A 95 -3.28 -15.73 0.83
C CYS A 95 -2.56 -15.69 -0.52
N VAL A 96 -2.43 -16.84 -1.17
CA VAL A 96 -1.70 -16.88 -2.43
C VAL A 96 -2.40 -16.05 -3.50
N ASN A 97 -3.67 -15.71 -3.31
CA ASN A 97 -4.40 -14.94 -4.32
C ASN A 97 -3.97 -13.48 -4.35
N VAL A 98 -3.34 -12.96 -3.30
CA VAL A 98 -2.90 -11.57 -3.33
C VAL A 98 -1.60 -11.43 -4.13
N LEU A 99 -0.65 -12.34 -3.90
CA LEU A 99 0.59 -12.31 -4.69
C LEU A 99 0.30 -12.63 -6.14
N LYS A 100 -0.53 -13.66 -6.38
CA LYS A 100 -0.76 -14.14 -7.73
C LYS A 100 -1.49 -13.13 -8.59
N ARG A 101 -2.27 -12.25 -7.96
CA ARG A 101 -3.22 -11.41 -8.70
C ARG A 101 -2.60 -10.84 -9.97
N ASP A 102 -1.47 -10.16 -9.85
CA ASP A 102 -0.85 -9.52 -11.02
C ASP A 102 0.58 -10.02 -11.25
N TRP A 103 0.94 -11.21 -10.77
CA TRP A 103 2.34 -11.64 -10.83
C TRP A 103 2.79 -11.86 -12.27
N THR A 104 3.98 -11.35 -12.58
CA THR A 104 4.71 -11.67 -13.79
C THR A 104 6.16 -11.94 -13.40
N ALA A 105 6.88 -12.66 -14.28
CA ALA A 105 8.22 -13.09 -13.97
C ALA A 105 9.24 -11.96 -13.94
N GLU A 106 8.85 -10.74 -14.30
CA GLU A 106 9.72 -9.59 -14.15
C GLU A 106 9.64 -8.98 -12.76
N LEU A 107 8.65 -9.37 -11.96
CA LEU A 107 8.54 -8.91 -10.59
C LEU A 107 9.54 -9.65 -9.71
N GLY A 108 9.82 -9.05 -8.56
CA GLY A 108 10.79 -9.62 -7.64
C GLY A 108 10.33 -9.56 -6.20
N ILE A 109 11.28 -9.67 -5.27
CA ILE A 109 10.91 -9.70 -3.85
C ILE A 109 10.41 -8.34 -3.39
N ARG A 110 10.94 -7.26 -3.94
CA ARG A 110 10.51 -5.93 -3.53
CA ARG A 110 10.51 -5.93 -3.53
C ARG A 110 9.01 -5.77 -3.70
N HIS A 111 8.48 -6.18 -4.85
CA HIS A 111 7.06 -6.01 -5.12
CA HIS A 111 7.05 -6.02 -5.12
C HIS A 111 6.21 -6.90 -4.21
N VAL A 112 6.68 -8.10 -3.89
CA VAL A 112 5.94 -8.94 -2.96
C VAL A 112 5.80 -8.24 -1.62
N LEU A 113 6.89 -7.64 -1.13
CA LEU A 113 6.88 -7.02 0.19
C LEU A 113 6.08 -5.72 0.18
N GLU A 114 6.28 -4.89 -0.85
CA GLU A 114 5.44 -3.70 -0.99
C GLU A 114 3.96 -4.08 -0.95
N THR A 115 3.58 -5.13 -1.67
CA THR A 115 2.18 -5.53 -1.73
C THR A 115 1.67 -5.96 -0.37
N ILE A 116 2.51 -6.67 0.40
CA ILE A 116 2.09 -7.17 1.70
C ILE A 116 1.94 -6.02 2.68
N LYS A 117 2.92 -5.11 2.71
CA LYS A 117 2.79 -3.91 3.52
C LYS A 117 1.49 -3.17 3.19
N CYS A 118 1.21 -2.98 1.91
CA CYS A 118 0.01 -2.25 1.42
C CYS A 118 -1.23 -3.01 1.87
N LEU A 119 -1.17 -4.32 1.96
CA LEU A 119 -2.32 -5.10 2.40
C LEU A 119 -2.64 -4.88 3.88
N LEU A 120 -1.65 -4.47 4.67
CA LEU A 120 -1.93 -4.11 6.06
C LEU A 120 -2.75 -2.84 6.15
N ILE A 121 -2.64 -1.97 5.15
CA ILE A 121 -3.46 -0.77 5.11
C ILE A 121 -4.82 -1.07 4.51
N HIS A 122 -4.86 -1.91 3.47
CA HIS A 122 -6.09 -2.21 2.73
C HIS A 122 -6.36 -3.72 2.75
N PRO A 123 -6.77 -4.27 3.88
CA PRO A 123 -7.13 -5.69 3.89
C PRO A 123 -8.37 -5.98 3.05
N ASN A 124 -8.47 -7.22 2.58
CA ASN A 124 -9.57 -7.65 1.72
C ASN A 124 -10.47 -8.62 2.48
N PRO A 125 -11.69 -8.23 2.87
CA PRO A 125 -12.53 -9.14 3.66
C PRO A 125 -13.09 -10.30 2.86
N GLU A 126 -13.22 -10.17 1.54
CA GLU A 126 -13.88 -11.19 0.73
C GLU A 126 -12.94 -12.36 0.46
N SER A 127 -13.49 -13.57 0.51
CA SER A 127 -12.69 -14.79 0.43
C SER A 127 -11.51 -14.71 1.40
N ALA A 128 -11.80 -14.25 2.61
CA ALA A 128 -10.77 -14.12 3.63
C ALA A 128 -10.31 -15.49 4.10
N LEU A 129 -9.01 -15.60 4.37
CA LEU A 129 -8.49 -16.81 5.00
C LEU A 129 -8.90 -16.87 6.47
N ASN A 130 -8.79 -15.75 7.18
CA ASN A 130 -9.31 -15.62 8.54
C ASN A 130 -10.71 -15.04 8.41
N GLU A 131 -11.71 -15.93 8.32
CA GLU A 131 -13.08 -15.48 8.10
C GLU A 131 -13.59 -14.67 9.29
N GLU A 132 -13.09 -14.93 10.49
CA GLU A 132 -13.44 -14.09 11.64
C GLU A 132 -13.05 -12.64 11.39
N ALA A 133 -11.78 -12.41 11.01
CA ALA A 133 -11.30 -11.05 10.82
C ALA A 133 -11.97 -10.39 9.61
N GLY A 134 -12.17 -11.14 8.53
CA GLY A 134 -12.84 -10.57 7.38
C GLY A 134 -14.23 -10.08 7.71
N ARG A 135 -14.97 -10.87 8.49
CA ARG A 135 -16.34 -10.49 8.85
C ARG A 135 -16.34 -9.23 9.71
N LEU A 136 -15.56 -9.24 10.79
CA LEU A 136 -15.51 -8.06 11.66
C LEU A 136 -15.11 -6.82 10.89
N LEU A 137 -14.14 -6.95 9.99
CA LEU A 137 -13.66 -5.79 9.25
C LEU A 137 -14.80 -5.08 8.54
N LEU A 138 -15.66 -5.84 7.88
CA LEU A 138 -16.77 -5.25 7.12
C LEU A 138 -17.87 -4.68 8.01
N GLU A 139 -18.33 -5.47 8.97
CA GLU A 139 -19.51 -5.15 9.80
C GLU A 139 -19.16 -4.32 11.03
N ASN A 140 -18.13 -4.65 11.79
CA ASN A 140 -17.78 -3.83 12.96
C ASN A 140 -16.30 -3.49 12.95
N TYR A 141 -15.91 -2.45 12.25
CA TYR A 141 -14.50 -2.07 12.11
C TYR A 141 -13.88 -1.77 13.46
N GLU A 142 -14.61 -1.18 14.37
CA GLU A 142 -14.08 -0.76 15.69
C GLU A 142 -13.56 -1.99 16.44
N GLU A 143 -14.32 -3.08 16.46
CA GLU A 143 -13.90 -4.33 17.11
C GLU A 143 -12.75 -4.95 16.31
N TYR A 144 -12.76 -4.86 15.00
CA TYR A 144 -11.67 -5.39 14.15
C TYR A 144 -10.35 -4.72 14.57
N ALA A 145 -10.26 -3.41 14.48
CA ALA A 145 -9.07 -2.66 14.86
C ALA A 145 -8.66 -2.97 16.28
N ALA A 146 -9.61 -2.97 17.21
CA ALA A 146 -9.29 -3.22 18.61
C ALA A 146 -8.63 -4.59 18.79
N ARG A 147 -9.15 -5.61 18.11
CA ARG A 147 -8.55 -6.94 18.21
C ARG A 147 -7.17 -6.96 17.57
N ALA A 148 -7.04 -6.35 16.38
CA ALA A 148 -5.74 -6.29 15.74
C ALA A 148 -4.73 -5.51 16.58
N ARG A 149 -5.18 -4.42 17.21
CA ARG A 149 -4.27 -3.62 18.03
C ARG A 149 -3.82 -4.40 19.26
N LEU A 150 -4.76 -5.10 19.92
CA LEU A 150 -4.38 -5.84 21.12
C LEU A 150 -3.37 -6.93 20.79
N LEU A 151 -3.56 -7.65 19.68
CA LEU A 151 -2.59 -8.66 19.30
C LEU A 151 -1.25 -8.02 18.92
N THR A 152 -1.28 -6.84 18.29
CA THR A 152 -0.05 -6.13 17.99
C THR A 152 0.71 -5.78 19.26
N GLU A 153 -0.01 -5.32 20.29
CA GLU A 153 0.68 -4.94 21.52
C GLU A 153 1.37 -6.14 22.15
N ILE A 154 0.82 -7.34 21.96
CA ILE A 154 1.40 -8.52 22.58
C ILE A 154 2.53 -9.08 21.72
N HIS A 155 2.33 -9.12 20.41
CA HIS A 155 3.21 -9.86 19.51
C HIS A 155 4.12 -8.98 18.67
N GLY A 156 3.78 -7.70 18.48
CA GLY A 156 4.57 -6.84 17.61
C GLY A 156 5.73 -6.16 18.31
N LEU B 8 -4.87 30.90 5.29
CA LEU B 8 -5.22 30.02 6.41
C LEU B 8 -4.99 30.71 7.75
N PRO B 9 -5.68 30.25 8.79
CA PRO B 9 -5.44 30.80 10.13
C PRO B 9 -4.04 30.53 10.57
N PRO B 10 -3.42 31.42 11.36
CA PRO B 10 -2.02 31.21 11.76
C PRO B 10 -1.76 29.86 12.41
N HIS B 11 -2.62 29.40 13.32
CA HIS B 11 -2.33 28.15 14.01
C HIS B 11 -2.44 26.95 13.06
N ILE B 12 -3.28 27.04 12.03
CA ILE B 12 -3.34 25.98 11.04
C ILE B 12 -2.12 26.03 10.13
N ILE B 13 -1.67 27.24 9.80
CA ILE B 13 -0.47 27.38 8.97
C ILE B 13 0.73 26.72 9.66
N ARG B 14 0.84 26.89 10.98
CA ARG B 14 1.96 26.28 11.69
C ARG B 14 1.94 24.76 11.54
N LEU B 15 0.77 24.16 11.71
CA LEU B 15 0.69 22.71 11.61
C LEU B 15 0.97 22.23 10.21
N VAL B 16 0.43 22.93 9.20
CA VAL B 16 0.67 22.53 7.82
C VAL B 16 2.15 22.65 7.48
N TYR B 17 2.80 23.70 7.93
CA TYR B 17 4.25 23.89 7.67
C TYR B 17 5.02 22.75 8.33
N LYS B 18 4.69 22.34 9.54
CA LYS B 18 5.40 21.22 10.20
C LYS B 18 5.15 19.95 9.40
N GLU B 19 3.92 19.72 9.01
CA GLU B 19 3.53 18.51 8.27
C GLU B 19 4.27 18.45 6.95
N VAL B 20 4.36 19.53 6.21
CA VAL B 20 4.99 19.51 4.90
C VAL B 20 6.50 19.36 5.04
N THR B 21 7.11 20.03 6.02
CA THR B 21 8.56 19.92 6.20
C THR B 21 8.95 18.48 6.46
N THR B 22 8.37 17.85 7.49
CA THR B 22 8.71 16.48 7.80
C THR B 22 8.44 15.55 6.62
N LEU B 23 7.40 15.85 5.83
CA LEU B 23 7.07 14.99 4.70
C LEU B 23 8.04 15.20 3.56
N THR B 24 8.44 16.44 3.29
CA THR B 24 9.42 16.69 2.24
C THR B 24 10.78 16.12 2.61
N ALA B 25 11.15 16.19 3.89
CA ALA B 25 12.46 15.69 4.30
C ALA B 25 12.52 14.17 4.24
N ASP B 26 11.41 13.49 4.47
CA ASP B 26 11.36 12.03 4.51
C ASP B 26 10.09 11.57 3.81
N PRO B 27 10.05 11.65 2.48
CA PRO B 27 8.85 11.23 1.74
C PRO B 27 8.72 9.73 1.69
N PRO B 28 7.51 9.18 1.59
CA PRO B 28 7.36 7.77 1.47
C PRO B 28 7.98 7.32 0.14
N ASP B 29 8.28 6.05 0.07
CA ASP B 29 8.91 5.40 -1.09
C ASP B 29 8.09 5.69 -2.34
N GLY B 30 8.73 6.14 -3.41
CA GLY B 30 8.04 6.38 -4.67
C GLY B 30 7.18 7.62 -4.71
N ILE B 31 7.28 8.49 -3.71
CA ILE B 31 6.54 9.73 -3.67
C ILE B 31 7.52 10.89 -3.51
N LYS B 32 7.36 11.91 -4.35
CA LYS B 32 8.11 13.16 -4.27
C LYS B 32 7.13 14.28 -3.97
N VAL B 33 7.47 15.13 -3.00
CA VAL B 33 6.58 16.18 -2.52
C VAL B 33 7.16 17.53 -2.92
N PHE B 34 6.31 18.41 -3.46
CA PHE B 34 6.71 19.72 -3.95
C PHE B 34 5.88 20.78 -3.23
N PRO B 35 6.27 21.25 -2.04
CA PRO B 35 5.56 22.28 -1.34
C PRO B 35 5.53 23.59 -2.12
N ASN B 36 4.47 24.36 -1.91
CA ASN B 36 4.17 25.59 -2.63
C ASN B 36 4.34 26.75 -1.66
N GLU B 37 5.52 27.38 -1.68
CA GLU B 37 5.84 28.43 -0.72
C GLU B 37 4.71 29.46 -0.62
N GLU B 38 4.24 29.94 -1.77
CA GLU B 38 3.23 31.00 -1.76
C GLU B 38 1.93 30.54 -1.12
N ASP B 39 1.56 29.28 -1.32
CA ASP B 39 0.29 28.75 -0.83
C ASP B 39 0.51 27.33 -0.33
N LEU B 40 0.34 27.14 0.97
CA LEU B 40 0.45 25.83 1.58
C LEU B 40 -0.88 25.11 1.69
N THR B 41 -1.99 25.75 1.29
CA THR B 41 -3.23 25.02 1.16
C THR B 41 -3.19 24.03 0.00
N ASP B 42 -2.08 23.99 -0.74
CA ASP B 42 -2.00 23.32 -2.04
C ASP B 42 -0.68 22.55 -2.10
N LEU B 43 -0.74 21.27 -1.78
CA LEU B 43 0.44 20.40 -1.76
C LEU B 43 0.38 19.50 -2.98
N GLN B 44 1.37 19.64 -3.86
CA GLN B 44 1.47 18.78 -5.02
C GLN B 44 2.47 17.66 -4.80
N VAL B 45 2.13 16.50 -5.35
CA VAL B 45 2.82 15.23 -5.11
C VAL B 45 2.83 14.46 -6.42
N THR B 46 3.91 13.72 -6.66
CA THR B 46 3.96 12.73 -7.72
C THR B 46 4.12 11.36 -7.10
N ILE B 47 3.38 10.38 -7.62
CA ILE B 47 3.42 9.01 -7.13
C ILE B 47 3.83 8.11 -8.29
N GLU B 48 4.90 7.34 -8.11
CA GLU B 48 5.27 6.34 -9.10
C GLU B 48 4.23 5.22 -9.11
N GLY B 49 3.73 4.89 -10.29
CA GLY B 49 2.84 3.75 -10.41
C GLY B 49 3.55 2.47 -10.03
N PRO B 50 3.10 1.82 -8.97
CA PRO B 50 3.86 0.68 -8.45
C PRO B 50 4.02 -0.43 -9.49
N GLU B 51 5.19 -1.07 -9.45
CA GLU B 51 5.40 -2.28 -10.24
C GLU B 51 4.32 -3.29 -9.92
N GLY B 52 4.11 -4.22 -10.84
CA GLY B 52 3.11 -5.25 -10.62
C GLY B 52 1.69 -4.76 -10.59
N THR B 53 1.43 -3.55 -11.08
CA THR B 53 0.10 -3.01 -11.27
C THR B 53 0.02 -2.47 -12.68
N PRO B 54 -1.19 -2.29 -13.22
CA PRO B 54 -1.32 -1.71 -14.57
C PRO B 54 -0.76 -0.29 -14.69
N TYR B 55 -0.43 0.35 -13.57
CA TYR B 55 0.09 1.72 -13.58
C TYR B 55 1.61 1.75 -13.61
N ALA B 56 2.27 0.61 -13.69
CA ALA B 56 3.72 0.57 -13.65
C ALA B 56 4.30 1.43 -14.76
N GLY B 57 5.38 2.14 -14.43
CA GLY B 57 6.07 2.98 -15.38
C GLY B 57 5.60 4.41 -15.44
N GLY B 58 4.39 4.69 -14.97
CA GLY B 58 3.85 6.03 -15.05
C GLY B 58 4.13 6.87 -13.82
N LEU B 59 4.20 8.18 -14.03
CA LEU B 59 4.22 9.14 -12.95
C LEU B 59 2.84 9.78 -12.85
N PHE B 60 2.27 9.77 -11.65
CA PHE B 60 0.93 10.29 -11.43
C PHE B 60 1.02 11.50 -10.53
N ARG B 61 0.84 12.68 -11.13
CA ARG B 61 0.74 13.92 -10.38
C ARG B 61 -0.57 13.92 -9.60
N MET B 62 -0.51 14.40 -8.36
CA MET B 62 -1.72 14.53 -7.56
C MET B 62 -1.57 15.75 -6.67
N LYS B 63 -2.71 16.19 -6.13
CA LYS B 63 -2.79 17.40 -5.32
C LYS B 63 -3.58 17.09 -4.06
N LEU B 64 -3.06 17.52 -2.92
CA LEU B 64 -3.78 17.47 -1.66
C LEU B 64 -4.16 18.89 -1.27
N LEU B 65 -5.45 19.11 -1.09
CA LEU B 65 -5.98 20.42 -0.67
C LEU B 65 -6.12 20.41 0.86
N LEU B 66 -5.30 21.21 1.51
CA LEU B 66 -5.17 21.34 2.97
C LEU B 66 -5.97 22.54 3.47
N GLY B 67 -6.96 23.00 2.74
CA GLY B 67 -7.86 24.08 3.16
C GLY B 67 -9.09 23.47 3.82
N LYS B 68 -10.26 24.06 3.64
CA LYS B 68 -11.48 23.49 4.25
C LYS B 68 -11.32 23.34 5.76
N ASP B 69 -11.50 22.14 6.28
CA ASP B 69 -11.50 21.99 7.75
C ASP B 69 -10.30 21.24 8.30
N PHE B 70 -9.26 21.01 7.53
CA PHE B 70 -8.07 20.23 7.96
C PHE B 70 -7.49 20.85 9.24
N PRO B 71 -7.13 20.18 10.35
CA PRO B 71 -7.02 18.75 10.56
C PRO B 71 -8.26 18.00 11.03
N ALA B 72 -9.38 18.67 11.22
CA ALA B 72 -10.62 18.06 11.74
C ALA B 72 -11.10 16.99 10.76
N SER B 73 -11.02 17.32 9.49
CA SER B 73 -11.42 16.48 8.34
C SER B 73 -10.18 16.10 7.55
N PRO B 74 -10.20 14.96 6.84
CA PRO B 74 -9.07 14.60 6.00
C PRO B 74 -8.92 15.58 4.84
N PRO B 75 -7.73 15.73 4.30
CA PRO B 75 -7.57 16.60 3.12
C PRO B 75 -8.25 16.00 1.90
N LYS B 76 -8.64 16.87 0.98
CA LYS B 76 -9.24 16.45 -0.29
C LYS B 76 -8.12 16.16 -1.29
N GLY B 77 -8.14 14.96 -1.87
CA GLY B 77 -7.11 14.52 -2.80
C GLY B 77 -7.65 14.47 -4.22
N TYR B 78 -6.84 14.93 -5.17
CA TYR B 78 -7.14 14.85 -6.60
C TYR B 78 -5.93 14.31 -7.35
N PHE B 79 -6.17 13.36 -8.23
CA PHE B 79 -5.16 13.02 -9.24
C PHE B 79 -5.22 14.03 -10.37
N LEU B 80 -4.09 14.68 -10.66
CA LEU B 80 -3.99 15.52 -11.85
C LEU B 80 -3.63 14.72 -13.09
N THR B 81 -2.98 13.58 -12.91
CA THR B 81 -2.74 12.64 -14.01
C THR B 81 -3.99 11.78 -14.21
N LYS B 82 -4.47 11.71 -15.45
CA LYS B 82 -5.59 10.84 -15.77
C LYS B 82 -5.28 9.40 -15.42
N ILE B 83 -6.25 8.71 -14.81
CA ILE B 83 -6.04 7.35 -14.32
C ILE B 83 -7.36 6.60 -14.37
N PHE B 84 -7.27 5.29 -14.65
CA PHE B 84 -8.41 4.38 -14.69
C PHE B 84 -8.38 3.59 -13.39
N HIS B 85 -9.19 4.01 -12.41
CA HIS B 85 -9.13 3.46 -11.07
C HIS B 85 -10.50 3.53 -10.41
N PRO B 86 -10.96 2.46 -9.77
CA PRO B 86 -12.34 2.47 -9.24
C PRO B 86 -12.60 3.60 -8.26
N ASN B 87 -11.56 4.06 -7.55
CA ASN B 87 -11.73 5.02 -6.48
C ASN B 87 -11.35 6.43 -6.89
N VAL B 88 -11.19 6.70 -8.18
CA VAL B 88 -10.86 8.01 -8.69
C VAL B 88 -11.95 8.43 -9.67
N GLY B 89 -12.63 9.53 -9.35
CA GLY B 89 -13.77 9.98 -10.12
C GLY B 89 -13.38 10.76 -11.35
N ALA B 90 -14.40 11.30 -12.02
CA ALA B 90 -14.20 11.95 -13.31
C ALA B 90 -13.44 13.26 -13.17
N ASN B 91 -13.59 13.96 -12.05
CA ASN B 91 -12.86 15.19 -11.81
C ASN B 91 -11.50 14.95 -11.18
N GLY B 92 -11.05 13.69 -11.12
CA GLY B 92 -9.82 13.35 -10.44
C GLY B 92 -9.95 13.16 -8.95
N GLU B 93 -11.13 13.39 -8.38
CA GLU B 93 -11.27 13.31 -6.94
C GLU B 93 -11.01 11.89 -6.45
N ILE B 94 -10.27 11.79 -5.34
CA ILE B 94 -9.90 10.51 -4.76
C ILE B 94 -10.77 10.29 -3.53
N CYS B 95 -11.45 9.14 -3.49
CA CYS B 95 -12.28 8.76 -2.34
CA CYS B 95 -12.28 8.76 -2.34
C CYS B 95 -11.66 7.53 -1.69
N VAL B 96 -11.00 7.75 -0.55
CA VAL B 96 -10.35 6.68 0.21
C VAL B 96 -11.28 6.34 1.36
N ASN B 97 -12.11 5.32 1.16
CA ASN B 97 -13.09 4.96 2.18
C ASN B 97 -12.41 4.63 3.50
N VAL B 98 -11.31 3.88 3.45
CA VAL B 98 -10.57 3.56 4.67
C VAL B 98 -10.26 4.83 5.45
N LEU B 99 -9.88 5.90 4.73
CA LEU B 99 -9.40 7.10 5.40
C LEU B 99 -10.53 7.89 6.02
N LYS B 100 -11.67 7.99 5.35
CA LYS B 100 -12.80 8.75 5.91
C LYS B 100 -13.36 8.07 7.16
N ARG B 101 -13.35 6.73 7.19
CA ARG B 101 -13.78 6.00 8.38
C ARG B 101 -12.72 6.07 9.48
N ASP B 102 -11.46 5.86 9.12
CA ASP B 102 -10.36 5.77 10.06
C ASP B 102 -9.90 7.12 10.59
N TRP B 103 -10.21 8.20 9.87
CA TRP B 103 -9.56 9.47 10.13
C TRP B 103 -9.76 9.94 11.58
N THR B 104 -8.73 10.61 12.09
CA THR B 104 -8.86 11.53 13.21
C THR B 104 -7.83 12.63 12.97
N ALA B 105 -7.89 13.68 13.80
CA ALA B 105 -7.01 14.82 13.57
C ALA B 105 -5.53 14.49 13.85
N GLU B 106 -5.24 13.33 14.43
CA GLU B 106 -3.85 12.98 14.70
C GLU B 106 -3.15 12.34 13.51
N LEU B 107 -3.90 11.82 12.55
CA LEU B 107 -3.30 11.18 11.39
C LEU B 107 -2.64 12.24 10.51
N GLY B 108 -1.42 11.96 10.05
CA GLY B 108 -0.67 12.91 9.26
C GLY B 108 -0.94 12.81 7.78
N ILE B 109 -0.22 13.63 7.02
CA ILE B 109 -0.33 13.58 5.57
C ILE B 109 0.48 12.42 5.01
N ARG B 110 1.53 12.00 5.71
CA ARG B 110 2.28 10.83 5.29
CA ARG B 110 2.28 10.83 5.29
C ARG B 110 1.35 9.62 5.13
N HIS B 111 0.50 9.39 6.13
CA HIS B 111 -0.45 8.28 6.08
C HIS B 111 -1.47 8.43 4.97
N VAL B 112 -1.88 9.67 4.67
CA VAL B 112 -2.79 9.88 3.55
C VAL B 112 -2.12 9.45 2.25
N LEU B 113 -0.92 9.97 2.00
CA LEU B 113 -0.23 9.64 0.76
C LEU B 113 0.13 8.17 0.68
N GLU B 114 0.65 7.60 1.78
CA GLU B 114 0.91 6.17 1.82
C GLU B 114 -0.36 5.39 1.53
N THR B 115 -1.49 5.86 2.04
CA THR B 115 -2.75 5.15 1.80
C THR B 115 -3.17 5.24 0.35
N ILE B 116 -2.97 6.37 -0.30
CA ILE B 116 -3.33 6.55 -1.74
C ILE B 116 -2.43 5.67 -2.60
N LYS B 117 -1.13 5.64 -2.35
CA LYS B 117 -0.19 4.83 -3.13
C LYS B 117 -0.58 3.37 -3.01
N CYS B 118 -0.86 2.91 -1.80
CA CYS B 118 -1.27 1.52 -1.53
C CYS B 118 -2.60 1.24 -2.20
N LEU B 119 -3.43 2.24 -2.43
CA LEU B 119 -4.68 2.00 -3.11
C LEU B 119 -4.50 1.73 -4.59
N LEU B 120 -3.36 2.17 -5.16
CA LEU B 120 -3.04 1.79 -6.53
C LEU B 120 -2.75 0.31 -6.65
N ILE B 121 -2.30 -0.31 -5.57
CA ILE B 121 -2.07 -1.75 -5.55
C ILE B 121 -3.32 -2.51 -5.18
N HIS B 122 -4.12 -1.99 -4.24
CA HIS B 122 -5.31 -2.66 -3.75
C HIS B 122 -6.53 -1.75 -3.93
N PRO B 123 -6.95 -1.50 -5.17
CA PRO B 123 -8.14 -0.67 -5.37
C PRO B 123 -9.36 -1.28 -4.68
N ASN B 124 -10.28 -0.42 -4.27
CA ASN B 124 -11.48 -0.86 -3.57
C ASN B 124 -12.68 -0.79 -4.51
N PRO B 125 -13.11 -1.91 -5.11
CA PRO B 125 -14.20 -1.85 -6.10
C PRO B 125 -15.55 -1.49 -5.51
N GLU B 126 -15.76 -1.69 -4.21
CA GLU B 126 -17.05 -1.44 -3.61
C GLU B 126 -17.30 0.06 -3.51
N SER B 127 -18.49 0.50 -3.91
CA SER B 127 -18.84 1.92 -3.86
C SER B 127 -17.82 2.74 -4.64
N ALA B 128 -17.55 2.29 -5.86
CA ALA B 128 -16.53 2.93 -6.68
C ALA B 128 -17.02 4.26 -7.19
N LEU B 129 -16.08 5.16 -7.44
CA LEU B 129 -16.41 6.42 -8.08
C LEU B 129 -16.46 6.28 -9.60
N ASN B 130 -15.51 5.55 -10.17
CA ASN B 130 -15.51 5.19 -11.58
C ASN B 130 -16.06 3.77 -11.63
N GLU B 131 -17.37 3.67 -11.82
CA GLU B 131 -18.14 2.40 -11.79
C GLU B 131 -17.63 1.45 -12.89
N GLU B 132 -17.32 1.94 -14.08
CA GLU B 132 -16.74 1.09 -15.12
C GLU B 132 -15.49 0.38 -14.62
N ALA B 133 -14.53 1.14 -14.08
CA ALA B 133 -13.32 0.51 -13.55
C ALA B 133 -13.63 -0.46 -12.44
N GLY B 134 -14.54 -0.10 -11.53
CA GLY B 134 -14.90 -1.00 -10.46
C GLY B 134 -15.59 -2.26 -10.95
N ARG B 135 -16.49 -2.11 -11.92
CA ARG B 135 -17.20 -3.26 -12.46
C ARG B 135 -16.23 -4.21 -13.16
N LEU B 136 -15.28 -3.67 -13.93
CA LEU B 136 -14.32 -4.53 -14.61
C LEU B 136 -13.35 -5.18 -13.62
N LEU B 137 -12.89 -4.43 -12.62
CA LEU B 137 -11.96 -4.99 -11.66
C LEU B 137 -12.50 -6.27 -11.04
N LEU B 138 -13.79 -6.28 -10.71
CA LEU B 138 -14.37 -7.45 -10.08
C LEU B 138 -14.69 -8.55 -11.08
N GLU B 139 -15.18 -8.18 -12.26
CA GLU B 139 -15.81 -9.15 -13.15
C GLU B 139 -14.96 -9.52 -14.35
N ASN B 140 -13.98 -8.70 -14.72
CA ASN B 140 -13.13 -8.94 -15.88
C ASN B 140 -11.80 -8.22 -15.63
N TYR B 141 -11.00 -8.76 -14.75
CA TYR B 141 -9.76 -8.11 -14.28
C TYR B 141 -8.80 -7.81 -15.41
N GLU B 142 -8.63 -8.69 -16.36
CA GLU B 142 -7.69 -8.48 -17.46
C GLU B 142 -8.12 -7.27 -18.28
N GLU B 143 -9.41 -7.06 -18.49
CA GLU B 143 -9.95 -5.90 -19.23
C GLU B 143 -9.68 -4.62 -18.43
N TYR B 144 -9.86 -4.67 -17.12
CA TYR B 144 -9.56 -3.51 -16.25
C TYR B 144 -8.07 -3.21 -16.38
N ALA B 145 -7.22 -4.24 -16.31
CA ALA B 145 -5.78 -3.98 -16.40
C ALA B 145 -5.42 -3.37 -17.75
N ALA B 146 -6.00 -3.90 -18.84
CA ALA B 146 -5.69 -3.41 -20.17
C ALA B 146 -6.00 -1.92 -20.28
N ARG B 147 -7.19 -1.51 -19.85
CA ARG B 147 -7.58 -0.10 -19.97
C ARG B 147 -6.70 0.77 -19.06
N ALA B 148 -6.47 0.34 -17.82
CA ALA B 148 -5.59 1.10 -16.94
C ALA B 148 -4.20 1.24 -17.55
N ARG B 149 -3.69 0.17 -18.16
CA ARG B 149 -2.35 0.22 -18.73
C ARG B 149 -2.28 1.17 -19.92
N LEU B 150 -3.27 1.14 -20.80
CA LEU B 150 -3.29 2.01 -22.00
C LEU B 150 -3.34 3.47 -21.57
N LEU B 151 -4.13 3.81 -20.57
CA LEU B 151 -4.22 5.16 -20.02
C LEU B 151 -2.88 5.58 -19.41
N THR B 152 -2.16 4.65 -18.79
CA THR B 152 -0.81 4.88 -18.25
C THR B 152 0.17 5.20 -19.38
N GLU B 153 0.11 4.50 -20.50
CA GLU B 153 0.99 4.69 -21.66
C GLU B 153 0.74 6.07 -22.25
N ILE B 154 -0.48 6.56 -22.22
CA ILE B 154 -0.79 7.89 -22.76
C ILE B 154 -0.50 8.99 -21.75
N HIS B 155 -0.85 8.78 -20.50
CA HIS B 155 -0.83 9.90 -19.56
C HIS B 155 0.27 9.84 -18.51
N GLY B 156 0.80 8.65 -18.22
CA GLY B 156 1.78 8.48 -17.17
C GLY B 156 3.18 8.87 -17.55
#